data_6CHK
#
_entry.id   6CHK
#
_cell.length_a   108.715
_cell.length_b   108.715
_cell.length_c   125.395
_cell.angle_alpha   90.000
_cell.angle_beta   90.000
_cell.angle_gamma   120.000
#
_symmetry.space_group_name_H-M   'H 3 2'
#
loop_
_entity.id
_entity.type
_entity.pdbx_description
1 polymer 'Transcriptional regulator, LacI family'
2 non-polymer 2-AMINO-2-HYDROXYMETHYL-PROPANE-1,3-DIOL
3 non-polymer 'SODIUM ION'
4 non-polymer 'CHLORIDE ION'
5 water water
#
_entity_poly.entity_id   1
_entity_poly.type   'polypeptide(L)'
_entity_poly.pdbx_seq_one_letter_code
;SMLRAQATGNIGVLVSRVTNPFFAGLFDAIERELHAHGYQVMITQTYDDPEAEERFLKQLKSRELDGVILASVEAPDRVM
AVAKAFPGRVVVVNADVQIPGATSLVLPHYQATRDALDYLFNQGHRRFAYVSGGTISGAHHGQSRTQAFLDFMQAHQLLV
AQDLLFGQIHTAKEGQAVGKQLASLAPNVRPDAVFTNSDEVAVGVIDSLLAADVKVPDDIAVMGYDDQPFAPFAKIPLTT
VHQPVASMAAAATHELLKGLGRQVAQDTQPTLHLSLKIRQSA
;
_entity_poly.pdbx_strand_id   A
#
# COMPACT_ATOMS: atom_id res chain seq x y z
N THR A 8 -2.41 -26.65 -15.79
CA THR A 8 -2.56 -25.40 -14.98
C THR A 8 -2.91 -25.76 -13.53
N GLY A 9 -1.92 -25.58 -12.65
CA GLY A 9 -1.96 -26.03 -11.25
C GLY A 9 -2.29 -24.97 -10.18
N ASN A 10 -1.44 -24.91 -9.15
CA ASN A 10 -1.63 -24.06 -7.97
C ASN A 10 -0.68 -22.87 -7.95
N ILE A 11 -1.21 -21.71 -7.58
CA ILE A 11 -0.46 -20.50 -7.46
C ILE A 11 -0.74 -19.95 -6.07
N GLY A 12 0.32 -19.45 -5.47
CA GLY A 12 0.23 -18.78 -4.18
C GLY A 12 0.38 -17.28 -4.32
N VAL A 13 -0.34 -16.53 -3.49
CA VAL A 13 -0.22 -15.08 -3.43
C VAL A 13 0.13 -14.74 -1.96
N LEU A 14 1.17 -13.96 -1.76
CA LEU A 14 1.62 -13.55 -0.40
C LEU A 14 1.31 -12.10 -0.18
N VAL A 15 0.63 -11.80 0.96
CA VAL A 15 0.29 -10.44 1.35
C VAL A 15 0.63 -10.26 2.83
N SER A 16 0.73 -9.01 3.28
CA SER A 16 0.95 -8.81 4.72
C SER A 16 -0.29 -9.12 5.57
N ARG A 17 -1.45 -8.62 5.17
CA ARG A 17 -2.67 -8.72 5.96
C ARG A 17 -3.86 -8.80 5.02
N VAL A 18 -4.66 -9.88 5.14
CA VAL A 18 -5.85 -10.08 4.29
CA VAL A 18 -5.81 -9.99 4.26
C VAL A 18 -7.00 -9.12 4.65
N THR A 19 -7.05 -8.64 5.88
CA THR A 19 -8.10 -7.73 6.33
C THR A 19 -7.79 -6.31 5.92
N ASN A 20 -6.66 -6.08 5.25
CA ASN A 20 -6.40 -4.81 4.59
C ASN A 20 -7.14 -4.90 3.26
N PRO A 21 -8.16 -4.07 3.07
CA PRO A 21 -8.94 -4.22 1.82
C PRO A 21 -8.17 -4.00 0.52
N PHE A 22 -7.05 -3.28 0.56
CA PHE A 22 -6.19 -3.19 -0.61
C PHE A 22 -5.59 -4.57 -0.96
N PHE A 23 -5.07 -5.29 -0.01
CA PHE A 23 -4.56 -6.62 -0.31
C PHE A 23 -5.65 -7.62 -0.72
N ALA A 24 -6.81 -7.53 -0.07
CA ALA A 24 -7.90 -8.44 -0.42
C ALA A 24 -8.33 -8.15 -1.86
N GLY A 25 -8.40 -6.86 -2.23
CA GLY A 25 -8.79 -6.52 -3.62
C GLY A 25 -7.77 -6.99 -4.66
N LEU A 26 -6.51 -6.81 -4.32
CA LEU A 26 -5.44 -7.20 -5.18
C LEU A 26 -5.46 -8.70 -5.41
N PHE A 27 -5.60 -9.45 -4.34
CA PHE A 27 -5.73 -10.92 -4.45
C PHE A 27 -6.92 -11.28 -5.31
N ASP A 28 -8.04 -10.64 -5.02
CA ASP A 28 -9.26 -11.01 -5.77
C ASP A 28 -9.07 -10.81 -7.28
N ALA A 29 -8.48 -9.68 -7.65
CA ALA A 29 -8.29 -9.38 -9.07
C ALA A 29 -7.35 -10.39 -9.72
N ILE A 30 -6.26 -10.73 -9.02
CA ILE A 30 -5.33 -11.78 -9.53
C ILE A 30 -6.02 -13.12 -9.64
N GLU A 31 -6.77 -13.48 -8.61
CA GLU A 31 -7.42 -14.78 -8.52
C GLU A 31 -8.46 -14.97 -9.60
N ARG A 32 -9.31 -13.98 -9.84
CA ARG A 32 -10.35 -14.10 -10.85
C ARG A 32 -9.74 -14.33 -12.25
N GLU A 33 -8.62 -13.65 -12.54
CA GLU A 33 -7.96 -13.84 -13.83
C GLU A 33 -7.25 -15.18 -13.95
N LEU A 34 -6.49 -15.58 -12.93
CA LEU A 34 -5.90 -16.89 -12.91
C LEU A 34 -6.86 -18.07 -12.91
N HIS A 35 -7.96 -17.90 -12.20
CA HIS A 35 -9.01 -18.88 -12.18
C HIS A 35 -9.56 -19.11 -13.61
N ALA A 36 -9.74 -18.04 -14.34
CA ALA A 36 -10.18 -18.15 -15.75
C ALA A 36 -9.23 -18.91 -16.65
N HIS A 37 -7.93 -18.91 -16.29
CA HIS A 37 -6.86 -19.63 -16.97
C HIS A 37 -6.68 -21.06 -16.44
N GLY A 38 -7.51 -21.47 -15.49
CA GLY A 38 -7.49 -22.83 -15.03
C GLY A 38 -6.73 -23.05 -13.75
N TYR A 39 -6.22 -21.99 -13.14
CA TYR A 39 -5.42 -22.17 -11.89
C TYR A 39 -6.26 -22.03 -10.64
N GLN A 40 -5.80 -22.73 -9.59
CA GLN A 40 -6.36 -22.59 -8.27
C GLN A 40 -5.39 -21.67 -7.52
N VAL A 41 -5.91 -20.65 -6.86
CA VAL A 41 -5.02 -19.61 -6.29
C VAL A 41 -5.35 -19.52 -4.79
N MET A 42 -4.30 -19.47 -3.98
CA MET A 42 -4.50 -19.43 -2.53
CA MET A 42 -4.43 -19.47 -2.50
C MET A 42 -3.67 -18.28 -1.96
N ILE A 43 -4.19 -17.61 -0.91
CA ILE A 43 -3.50 -16.47 -0.34
C ILE A 43 -2.97 -16.88 1.04
N THR A 44 -1.79 -16.40 1.33
CA THR A 44 -1.14 -16.53 2.66
C THR A 44 -0.82 -15.11 3.15
N GLN A 45 -0.97 -14.89 4.45
CA GLN A 45 -0.63 -13.59 5.04
C GLN A 45 0.58 -13.74 5.98
N THR A 46 1.42 -12.71 6.02
CA THR A 46 2.66 -12.78 6.78
C THR A 46 2.67 -12.02 8.07
N TYR A 47 1.83 -10.97 8.16
CA TYR A 47 1.93 -9.92 9.19
C TYR A 47 3.40 -9.45 9.31
N ASP A 48 4.03 -9.32 8.14
CA ASP A 48 5.43 -8.94 7.97
C ASP A 48 6.44 -9.77 8.74
N ASP A 49 6.14 -11.04 9.01
CA ASP A 49 7.06 -11.94 9.66
C ASP A 49 7.90 -12.62 8.57
N PRO A 50 9.23 -12.42 8.60
CA PRO A 50 10.04 -13.09 7.58
C PRO A 50 10.00 -14.62 7.60
N GLU A 51 9.76 -15.24 8.76
CA GLU A 51 9.60 -16.70 8.80
C GLU A 51 8.35 -17.19 8.04
N ALA A 52 7.30 -16.40 8.07
CA ALA A 52 6.08 -16.72 7.28
C ALA A 52 6.37 -16.67 5.78
N GLU A 53 7.14 -15.66 5.39
CA GLU A 53 7.60 -15.55 3.99
C GLU A 53 8.45 -16.74 3.59
N GLU A 54 9.42 -17.11 4.43
CA GLU A 54 10.25 -18.28 4.19
C GLU A 54 9.43 -19.54 4.01
N ARG A 55 8.46 -19.70 4.90
CA ARG A 55 7.64 -20.90 4.87
C ARG A 55 6.78 -21.02 3.59
N PHE A 56 6.29 -19.87 3.17
CA PHE A 56 5.50 -19.73 1.93
C PHE A 56 6.40 -20.12 0.73
N LEU A 57 7.60 -19.59 0.72
CA LEU A 57 8.52 -19.91 -0.37
C LEU A 57 8.88 -21.39 -0.44
N LYS A 58 8.91 -22.11 0.70
CA LYS A 58 9.12 -23.55 0.68
C LYS A 58 8.09 -24.30 -0.13
N GLN A 59 6.87 -23.77 -0.20
CA GLN A 59 5.84 -24.40 -1.04
C GLN A 59 6.19 -24.37 -2.56
N LEU A 60 6.89 -23.33 -3.00
CA LEU A 60 7.43 -23.36 -4.35
C LEU A 60 8.62 -24.28 -4.47
N LYS A 61 9.56 -24.18 -3.52
CA LYS A 61 10.77 -25.00 -3.57
C LYS A 61 10.49 -26.47 -3.59
N SER A 62 9.40 -26.87 -2.94
CA SER A 62 8.98 -28.26 -2.88
CA SER A 62 8.94 -28.26 -2.88
C SER A 62 7.97 -28.59 -3.99
N ARG A 63 7.68 -27.61 -4.83
CA ARG A 63 6.73 -27.76 -5.95
C ARG A 63 5.31 -28.17 -5.58
N GLU A 64 4.88 -27.75 -4.41
CA GLU A 64 3.47 -27.74 -4.06
C GLU A 64 2.73 -26.68 -4.88
N LEU A 65 3.46 -25.63 -5.27
CA LEU A 65 2.98 -24.53 -6.11
C LEU A 65 3.77 -24.47 -7.42
N ASP A 66 3.10 -24.10 -8.49
CA ASP A 66 3.75 -23.86 -9.75
C ASP A 66 4.33 -22.47 -9.87
N GLY A 67 3.78 -21.51 -9.14
CA GLY A 67 4.28 -20.14 -9.16
C GLY A 67 3.73 -19.33 -7.99
N VAL A 68 4.38 -18.19 -7.75
CA VAL A 68 3.97 -17.27 -6.72
C VAL A 68 4.00 -15.80 -7.14
N ILE A 69 3.09 -15.04 -6.55
CA ILE A 69 3.06 -13.63 -6.69
C ILE A 69 3.16 -13.08 -5.28
N LEU A 70 4.20 -12.29 -5.07
CA LEU A 70 4.39 -11.58 -3.79
C LEU A 70 4.02 -10.12 -3.86
N ALA A 71 3.07 -9.71 -3.04
CA ALA A 71 2.73 -8.28 -2.88
C ALA A 71 3.35 -7.57 -1.66
N SER A 72 4.05 -8.32 -0.86
CA SER A 72 4.82 -7.83 0.27
C SER A 72 6.10 -8.64 0.27
N VAL A 73 7.24 -8.01 0.60
CA VAL A 73 8.50 -8.74 0.69
C VAL A 73 9.18 -8.30 1.97
N GLU A 74 9.64 -9.27 2.74
CA GLU A 74 10.45 -9.01 3.96
C GLU A 74 11.95 -9.12 3.75
N ALA A 75 12.38 -10.21 3.12
CA ALA A 75 13.82 -10.52 2.93
C ALA A 75 14.14 -10.65 1.43
N PRO A 76 14.42 -9.50 0.77
CA PRO A 76 14.65 -9.52 -0.69
C PRO A 76 15.67 -10.52 -1.13
N ASP A 77 16.73 -10.74 -0.37
CA ASP A 77 17.77 -11.64 -0.82
C ASP A 77 17.34 -13.10 -0.79
N ARG A 78 16.44 -13.46 0.11
CA ARG A 78 15.86 -14.81 0.12
C ARG A 78 14.90 -15.01 -1.05
N VAL A 79 14.10 -13.99 -1.33
CA VAL A 79 13.25 -14.04 -2.49
C VAL A 79 14.10 -14.18 -3.76
N MET A 80 15.16 -13.41 -3.86
CA MET A 80 16.08 -13.49 -4.99
C MET A 80 16.61 -14.93 -5.20
N ALA A 81 17.01 -15.62 -4.11
CA ALA A 81 17.59 -16.96 -4.26
C ALA A 81 16.56 -17.95 -4.80
N VAL A 82 15.31 -17.84 -4.34
CA VAL A 82 14.25 -18.70 -4.82
C VAL A 82 13.98 -18.35 -6.27
N ALA A 83 13.90 -17.06 -6.59
CA ALA A 83 13.59 -16.70 -7.98
C ALA A 83 14.66 -17.21 -8.95
N LYS A 84 15.90 -17.20 -8.52
CA LYS A 84 16.99 -17.73 -9.33
C LYS A 84 16.91 -19.23 -9.58
N ALA A 85 16.50 -19.99 -8.55
CA ALA A 85 16.29 -21.43 -8.67
C ALA A 85 15.05 -21.84 -9.49
N PHE A 86 14.08 -20.92 -9.53
CA PHE A 86 12.77 -21.18 -10.14
C PHE A 86 12.45 -20.04 -11.12
N PRO A 87 13.23 -19.93 -12.20
CA PRO A 87 13.03 -18.81 -13.12
C PRO A 87 11.64 -18.83 -13.73
N GLY A 88 11.06 -17.65 -13.85
CA GLY A 88 9.72 -17.53 -14.42
C GLY A 88 8.61 -17.74 -13.42
N ARG A 89 8.92 -18.21 -12.20
CA ARG A 89 7.88 -18.67 -11.30
C ARG A 89 7.63 -17.71 -10.13
N VAL A 90 8.45 -16.67 -10.00
CA VAL A 90 8.30 -15.70 -8.91
C VAL A 90 8.09 -14.33 -9.49
N VAL A 91 6.96 -13.71 -9.16
CA VAL A 91 6.66 -12.35 -9.58
C VAL A 91 6.44 -11.55 -8.33
N VAL A 92 6.95 -10.32 -8.34
CA VAL A 92 6.79 -9.38 -7.25
C VAL A 92 6.02 -8.14 -7.71
N VAL A 93 4.95 -7.80 -7.00
CA VAL A 93 4.13 -6.64 -7.39
C VAL A 93 3.89 -5.66 -6.24
N ASN A 94 4.24 -4.39 -6.47
CA ASN A 94 3.89 -3.25 -5.63
C ASN A 94 4.46 -3.37 -4.24
N ALA A 95 5.64 -3.97 -4.14
CA ALA A 95 6.32 -4.20 -2.87
C ALA A 95 7.46 -3.21 -2.61
N ASP A 96 7.58 -2.18 -3.46
CA ASP A 96 8.60 -1.13 -3.28
C ASP A 96 10.04 -1.69 -3.41
N VAL A 97 10.24 -2.74 -4.24
CA VAL A 97 11.54 -3.40 -4.38
C VAL A 97 11.64 -4.14 -5.72
N GLN A 98 12.81 -4.11 -6.36
CA GLN A 98 13.05 -4.96 -7.55
C GLN A 98 13.89 -6.13 -7.10
N ILE A 99 13.44 -7.34 -7.40
CA ILE A 99 14.15 -8.56 -7.01
C ILE A 99 14.80 -9.20 -8.24
N PRO A 100 16.15 -9.24 -8.29
CA PRO A 100 16.81 -9.96 -9.41
C PRO A 100 16.37 -11.41 -9.50
N GLY A 101 16.12 -11.88 -10.72
CA GLY A 101 15.53 -13.21 -10.96
C GLY A 101 14.01 -13.30 -11.00
N ALA A 102 13.33 -12.26 -10.50
CA ALA A 102 11.87 -12.23 -10.42
C ALA A 102 11.37 -11.02 -11.18
N THR A 103 10.39 -11.18 -12.08
CA THR A 103 9.80 -9.99 -12.70
C THR A 103 9.20 -9.16 -11.54
N SER A 104 9.57 -7.87 -11.47
CA SER A 104 9.17 -7.03 -10.35
C SER A 104 8.56 -5.73 -10.86
N LEU A 105 7.38 -5.45 -10.37
CA LEU A 105 6.63 -4.28 -10.83
C LEU A 105 6.65 -3.31 -9.65
N VAL A 106 7.19 -2.13 -9.86
CA VAL A 106 7.30 -1.10 -8.83
C VAL A 106 6.42 0.07 -9.29
N LEU A 107 5.57 0.57 -8.41
CA LEU A 107 4.74 1.72 -8.73
C LEU A 107 5.37 2.99 -8.15
N PRO A 108 5.01 4.15 -8.69
CA PRO A 108 5.74 5.37 -8.30
C PRO A 108 5.22 6.07 -7.02
N HIS A 109 5.45 5.43 -5.89
CA HIS A 109 4.94 5.87 -4.58
C HIS A 109 5.65 7.11 -4.08
N TYR A 110 6.95 7.25 -4.41
CA TYR A 110 7.64 8.47 -4.08
C TYR A 110 6.97 9.68 -4.75
N GLN A 111 6.68 9.56 -6.04
CA GLN A 111 6.07 10.67 -6.76
C GLN A 111 4.67 10.96 -6.24
N ALA A 112 3.90 9.91 -6.00
CA ALA A 112 2.51 10.07 -5.55
C ALA A 112 2.48 10.76 -4.20
N THR A 113 3.44 10.38 -3.35
CA THR A 113 3.47 10.95 -2.01
C THR A 113 3.86 12.45 -2.07
N ARG A 114 4.90 12.76 -2.82
CA ARG A 114 5.29 14.15 -3.04
C ARG A 114 4.13 14.97 -3.62
N ASP A 115 3.43 14.40 -4.58
CA ASP A 115 2.26 15.08 -5.22
C ASP A 115 1.11 15.35 -4.26
N ALA A 116 0.81 14.35 -3.40
CA ALA A 116 -0.25 14.46 -2.39
C ALA A 116 0.11 15.48 -1.34
N LEU A 117 1.37 15.50 -0.95
CA LEU A 117 1.88 16.49 0.01
C LEU A 117 1.87 17.91 -0.61
N ASP A 118 2.24 18.02 -1.89
CA ASP A 118 2.19 19.32 -2.61
C ASP A 118 0.78 19.86 -2.64
N TYR A 119 -0.16 18.97 -2.92
CA TYR A 119 -1.57 19.30 -2.83
C TYR A 119 -1.93 19.92 -1.50
N LEU A 120 -1.58 19.22 -0.43
CA LEU A 120 -1.89 19.71 0.90
C LEU A 120 -1.27 21.07 1.18
N PHE A 121 0.01 21.23 0.88
CA PHE A 121 0.72 22.50 1.05
C PHE A 121 0.03 23.62 0.29
N ASN A 122 -0.44 23.28 -0.90
CA ASN A 122 -1.21 24.25 -1.74
C ASN A 122 -2.58 24.63 -1.19
N GLN A 123 -3.17 23.81 -0.33
CA GLN A 123 -4.41 24.15 0.38
CA GLN A 123 -4.41 24.15 0.37
C GLN A 123 -4.13 25.02 1.60
N GLY A 124 -2.86 25.35 1.83
CA GLY A 124 -2.44 26.20 2.92
C GLY A 124 -1.96 25.52 4.19
N HIS A 125 -1.84 24.20 4.17
CA HIS A 125 -1.44 23.41 5.37
C HIS A 125 0.06 23.56 5.58
N ARG A 126 0.45 23.74 6.83
CA ARG A 126 1.86 23.98 7.17
C ARG A 126 2.39 23.08 8.29
N ARG A 127 1.52 22.62 9.19
CA ARG A 127 1.94 21.69 10.25
CA ARG A 127 1.92 21.69 10.26
C ARG A 127 1.40 20.29 9.94
N PHE A 128 2.29 19.34 9.70
CA PHE A 128 1.91 18.04 9.17
C PHE A 128 2.14 16.91 10.17
N ALA A 129 1.14 16.07 10.37
CA ALA A 129 1.32 14.77 11.01
C ALA A 129 1.57 13.73 9.93
N TYR A 130 2.48 12.82 10.19
CA TYR A 130 2.81 11.72 9.27
C TYR A 130 2.72 10.40 10.00
N VAL A 131 1.92 9.50 9.44
CA VAL A 131 1.63 8.21 9.99
C VAL A 131 2.20 7.16 9.00
N SER A 132 2.75 6.10 9.54
CA SER A 132 3.30 5.04 8.71
C SER A 132 3.04 3.71 9.38
N GLY A 133 2.98 2.67 8.56
CA GLY A 133 2.96 1.28 9.07
C GLY A 133 4.31 0.81 9.52
N GLY A 134 5.36 1.41 8.98
CA GLY A 134 6.72 1.12 9.45
C GLY A 134 7.16 1.95 10.63
N THR A 135 8.34 1.64 11.16
CA THR A 135 8.96 2.52 12.15
C THR A 135 9.62 3.57 11.31
N ILE A 136 9.33 4.82 11.61
CA ILE A 136 9.72 5.94 10.76
C ILE A 136 11.26 6.08 10.64
N SER A 137 11.97 5.74 11.72
CA SER A 137 13.41 5.47 11.63
C SER A 137 13.66 4.02 11.25
N GLN A 143 11.36 2.48 1.88
CA GLN A 143 10.52 3.56 2.41
C GLN A 143 10.48 4.78 1.47
N SER A 144 10.05 4.53 0.25
CA SER A 144 9.88 5.57 -0.73
C SER A 144 8.97 6.71 -0.16
N ARG A 145 7.91 6.36 0.55
CA ARG A 145 6.95 7.37 1.00
C ARG A 145 7.51 8.23 2.11
N THR A 146 8.17 7.62 3.07
CA THR A 146 8.81 8.38 4.12
C THR A 146 9.88 9.33 3.57
N GLN A 147 10.66 8.87 2.58
CA GLN A 147 11.67 9.74 2.00
C GLN A 147 10.97 10.87 1.26
N ALA A 148 9.87 10.58 0.55
CA ALA A 148 9.11 11.65 -0.06
C ALA A 148 8.66 12.71 0.95
N PHE A 149 8.17 12.25 2.10
CA PHE A 149 7.78 13.20 3.15
C PHE A 149 8.93 14.05 3.63
N LEU A 150 10.04 13.41 3.94
CA LEU A 150 11.20 14.17 4.43
C LEU A 150 11.71 15.18 3.38
N ASP A 151 11.73 14.76 2.12
CA ASP A 151 12.13 15.62 0.98
C ASP A 151 11.22 16.83 0.84
N PHE A 152 9.92 16.57 0.90
CA PHE A 152 8.88 17.59 0.94
C PHE A 152 9.10 18.61 2.04
N MET A 153 9.25 18.12 3.27
CA MET A 153 9.42 19.04 4.38
C MET A 153 10.70 19.89 4.18
N GLN A 154 11.77 19.26 3.71
CA GLN A 154 13.01 19.98 3.44
C GLN A 154 12.88 21.08 2.38
N ALA A 155 12.20 20.74 1.30
CA ALA A 155 11.93 21.63 0.17
C ALA A 155 11.17 22.88 0.57
N HIS A 156 10.25 22.78 1.54
CA HIS A 156 9.48 23.94 2.03
C HIS A 156 10.04 24.52 3.34
N GLN A 157 11.21 24.05 3.76
CA GLN A 157 11.88 24.45 5.00
C GLN A 157 10.93 24.39 6.19
N LEU A 158 10.19 23.30 6.28
CA LEU A 158 9.21 23.08 7.33
C LEU A 158 9.89 22.15 8.33
N LEU A 159 9.78 22.49 9.61
CA LEU A 159 10.46 21.70 10.64
C LEU A 159 9.59 20.49 10.95
N VAL A 160 10.20 19.31 10.91
CA VAL A 160 9.51 18.08 11.19
C VAL A 160 9.27 18.04 12.71
N ALA A 161 8.00 17.94 13.09
CA ALA A 161 7.63 17.82 14.52
C ALA A 161 7.56 16.34 14.92
N GLN A 162 8.46 15.88 15.80
CA GLN A 162 8.52 14.44 16.15
C GLN A 162 7.26 14.00 16.87
N ASP A 163 6.67 14.93 17.62
CA ASP A 163 5.37 14.68 18.29
C ASP A 163 4.20 14.37 17.33
N LEU A 164 4.39 14.70 16.05
CA LEU A 164 3.35 14.42 15.04
C LEU A 164 3.69 13.34 14.05
N LEU A 165 4.71 12.56 14.39
CA LEU A 165 5.07 11.36 13.65
C LEU A 165 4.53 10.15 14.37
N PHE A 166 3.84 9.29 13.66
CA PHE A 166 3.23 8.08 14.27
C PHE A 166 3.61 6.85 13.49
N GLY A 167 4.39 5.95 14.08
CA GLY A 167 4.79 4.73 13.39
C GLY A 167 4.02 3.50 13.85
N GLN A 168 4.12 2.44 13.04
CA GLN A 168 3.46 1.16 13.32
C GLN A 168 1.94 1.32 13.45
N ILE A 169 1.35 2.14 12.59
CA ILE A 169 -0.08 2.37 12.63
C ILE A 169 -0.60 1.78 11.34
N HIS A 170 -1.43 0.75 11.45
CA HIS A 170 -1.94 -0.04 10.29
C HIS A 170 -3.46 -0.07 10.19
N THR A 171 -4.16 -0.05 11.31
CA THR A 171 -5.60 -0.34 11.31
C THR A 171 -6.44 0.87 11.63
N ALA A 172 -7.73 0.72 11.37
CA ALA A 172 -8.70 1.78 11.75
C ALA A 172 -8.72 2.00 13.26
N LYS A 173 -8.62 0.93 14.04
CA LYS A 173 -8.58 1.09 15.51
C LYS A 173 -7.35 1.88 15.96
N GLU A 174 -6.21 1.60 15.34
CA GLU A 174 -5.01 2.36 15.65
C GLU A 174 -5.16 3.80 15.19
N GLY A 175 -5.80 4.02 14.04
CA GLY A 175 -6.08 5.38 13.60
C GLY A 175 -7.00 6.11 14.57
N GLN A 176 -7.97 5.43 15.16
CA GLN A 176 -8.78 6.05 16.18
C GLN A 176 -7.95 6.60 17.36
N ALA A 177 -6.97 5.83 17.79
CA ALA A 177 -6.07 6.31 18.88
C ALA A 177 -5.29 7.54 18.49
N VAL A 178 -4.80 7.55 17.24
CA VAL A 178 -4.08 8.70 16.72
C VAL A 178 -4.99 9.90 16.67
N GLY A 179 -6.18 9.74 16.05
CA GLY A 179 -7.12 10.84 16.00
C GLY A 179 -7.54 11.39 17.37
N LYS A 180 -7.70 10.50 18.34
CA LYS A 180 -8.12 10.92 19.69
C LYS A 180 -6.97 11.76 20.24
N GLN A 181 -5.74 11.34 19.99
CA GLN A 181 -4.59 12.14 20.51
C GLN A 181 -4.52 13.48 19.81
N LEU A 182 -4.64 13.50 18.48
CA LEU A 182 -4.63 14.78 17.78
C LEU A 182 -5.77 15.71 18.21
N ALA A 183 -6.96 15.16 18.42
CA ALA A 183 -8.11 15.96 18.83
C ALA A 183 -7.91 16.55 20.21
N SER A 184 -7.02 15.93 20.99
CA SER A 184 -6.76 16.39 22.33
C SER A 184 -5.92 17.64 22.38
N LEU A 185 -5.24 17.96 21.28
CA LEU A 185 -4.23 18.99 21.27
C LEU A 185 -4.83 20.38 21.19
N ALA A 186 -4.17 21.32 21.87
CA ALA A 186 -4.47 22.77 21.77
C ALA A 186 -4.44 23.19 20.31
N PRO A 187 -5.38 24.07 19.90
CA PRO A 187 -5.43 24.40 18.47
C PRO A 187 -4.09 24.85 17.88
N ASN A 188 -3.27 25.54 18.65
CA ASN A 188 -1.97 25.99 18.14
C ASN A 188 -0.85 24.93 17.97
N VAL A 189 -1.04 23.70 18.48
CA VAL A 189 -0.05 22.62 18.23
C VAL A 189 -0.66 21.46 17.44
N ARG A 190 -1.94 21.57 17.12
CA ARG A 190 -2.65 20.57 16.35
C ARG A 190 -2.14 20.64 14.89
N PRO A 191 -2.02 19.50 14.21
CA PRO A 191 -1.56 19.57 12.83
C PRO A 191 -2.66 20.18 11.99
N ASP A 192 -2.27 20.78 10.87
CA ASP A 192 -3.20 21.24 9.85
C ASP A 192 -3.70 20.06 8.99
N ALA A 193 -2.82 19.10 8.77
CA ALA A 193 -3.11 17.96 7.91
C ALA A 193 -2.38 16.71 8.39
N VAL A 194 -3.02 15.57 8.14
CA VAL A 194 -2.52 14.24 8.48
C VAL A 194 -2.36 13.37 7.23
N PHE A 195 -1.13 12.94 6.98
CA PHE A 195 -0.84 11.99 5.90
C PHE A 195 -0.84 10.59 6.54
N THR A 196 -1.86 9.79 6.22
CA THR A 196 -2.15 8.59 7.00
C THR A 196 -1.47 7.35 6.45
N ASN A 197 -1.09 7.35 5.18
CA ASN A 197 -0.59 6.17 4.49
C ASN A 197 -1.58 4.98 4.39
N SER A 198 -2.87 5.16 4.69
CA SER A 198 -3.82 4.07 4.67
C SER A 198 -5.24 4.57 4.82
N ASP A 199 -6.14 4.17 3.91
CA ASP A 199 -7.52 4.50 4.08
C ASP A 199 -8.13 3.94 5.36
N GLU A 200 -7.68 2.76 5.80
CA GLU A 200 -8.11 2.19 7.08
C GLU A 200 -7.80 3.13 8.21
N VAL A 201 -6.54 3.57 8.27
CA VAL A 201 -6.10 4.46 9.32
C VAL A 201 -6.88 5.78 9.23
N ALA A 202 -7.07 6.29 8.01
CA ALA A 202 -7.81 7.55 7.80
C ALA A 202 -9.24 7.50 8.34
N VAL A 203 -9.94 6.38 8.12
CA VAL A 203 -11.31 6.28 8.62
C VAL A 203 -11.29 6.37 10.13
N GLY A 204 -10.34 5.69 10.75
CA GLY A 204 -10.27 5.75 12.19
C GLY A 204 -9.92 7.12 12.72
N VAL A 205 -8.95 7.77 12.11
CA VAL A 205 -8.53 9.11 12.51
C VAL A 205 -9.68 10.12 12.45
N ILE A 206 -10.37 10.10 11.32
CA ILE A 206 -11.47 10.99 11.08
C ILE A 206 -12.60 10.74 12.06
N ASP A 207 -12.91 9.48 12.35
CA ASP A 207 -13.97 9.17 13.29
C ASP A 207 -13.73 9.78 14.70
N SER A 208 -12.52 9.63 15.21
CA SER A 208 -12.12 10.27 16.45
C SER A 208 -12.12 11.80 16.44
N LEU A 209 -11.65 12.42 15.36
CA LEU A 209 -11.70 13.86 15.21
C LEU A 209 -13.14 14.33 15.30
N LEU A 210 -14.04 13.69 14.55
CA LEU A 210 -15.44 14.12 14.56
C LEU A 210 -16.10 13.94 15.91
N ALA A 211 -15.76 12.85 16.59
CA ALA A 211 -16.30 12.59 17.94
C ALA A 211 -15.95 13.67 18.92
N ALA A 212 -14.82 14.32 18.69
CA ALA A 212 -14.35 15.45 19.49
C ALA A 212 -14.72 16.84 18.93
N ASP A 213 -15.61 16.89 17.96
CA ASP A 213 -15.99 18.13 17.26
C ASP A 213 -14.87 18.90 16.58
N VAL A 214 -13.85 18.18 16.12
CA VAL A 214 -12.78 18.77 15.30
C VAL A 214 -13.31 18.62 13.89
N LYS A 215 -13.35 19.71 13.16
CA LYS A 215 -13.96 19.71 11.81
C LYS A 215 -12.95 19.13 10.83
N VAL A 216 -13.43 18.30 9.90
CA VAL A 216 -12.57 17.75 8.85
C VAL A 216 -13.23 18.13 7.54
N PRO A 217 -12.56 18.87 6.67
CA PRO A 217 -11.14 19.22 6.70
C PRO A 217 -10.80 20.58 7.29
N ASP A 218 -11.77 21.33 7.75
CA ASP A 218 -11.50 22.74 8.03
C ASP A 218 -10.53 22.94 9.21
N ASP A 219 -10.61 22.09 10.20
CA ASP A 219 -9.65 22.14 11.32
C ASP A 219 -8.41 21.25 11.06
N ILE A 220 -8.66 19.99 10.67
CA ILE A 220 -7.60 19.07 10.29
C ILE A 220 -8.03 18.33 9.03
N ALA A 221 -7.24 18.46 7.98
CA ALA A 221 -7.42 17.72 6.73
C ALA A 221 -6.75 16.35 6.87
N VAL A 222 -7.37 15.31 6.30
CA VAL A 222 -6.84 13.94 6.46
C VAL A 222 -6.78 13.33 5.07
N MET A 223 -5.54 12.97 4.68
CA MET A 223 -5.26 12.33 3.39
C MET A 223 -5.14 10.83 3.60
N GLY A 224 -5.91 10.04 2.83
CA GLY A 224 -5.85 8.60 2.87
C GLY A 224 -4.76 8.06 1.97
N TYR A 225 -4.73 6.74 1.83
CA TYR A 225 -3.90 6.11 0.76
C TYR A 225 -4.55 4.81 0.40
N ASP A 226 -4.78 4.66 -0.90
CA ASP A 226 -5.09 3.41 -1.63
C ASP A 226 -6.34 3.54 -2.51
N ASP A 227 -7.31 4.32 -2.05
CA ASP A 227 -8.64 4.38 -2.61
C ASP A 227 -9.30 3.00 -2.54
N GLN A 228 -9.45 2.56 -1.30
CA GLN A 228 -10.09 1.30 -0.97
C GLN A 228 -11.61 1.36 -1.25
N PRO A 229 -12.29 0.20 -1.26
CA PRO A 229 -13.68 0.20 -1.68
C PRO A 229 -14.57 1.12 -0.82
N PHE A 230 -14.28 1.20 0.48
CA PHE A 230 -15.02 2.04 1.44
CA PHE A 230 -15.14 2.04 1.29
C PHE A 230 -14.75 3.53 1.31
N ALA A 231 -13.64 3.89 0.67
CA ALA A 231 -13.22 5.31 0.59
C ALA A 231 -14.28 6.33 0.18
N PRO A 232 -15.01 6.11 -0.94
CA PRO A 232 -16.04 7.07 -1.34
C PRO A 232 -17.27 7.07 -0.44
N PHE A 233 -17.43 6.02 0.34
CA PHE A 233 -18.56 5.85 1.26
C PHE A 233 -18.31 6.31 2.68
N ALA A 234 -17.09 6.71 2.98
CA ALA A 234 -16.75 7.15 4.35
C ALA A 234 -17.58 8.34 4.82
N LYS A 235 -17.66 8.49 6.13
CA LYS A 235 -18.44 9.55 6.73
C LYS A 235 -18.05 10.92 6.11
N ILE A 236 -16.76 11.15 6.01
CA ILE A 236 -16.19 12.23 5.20
C ILE A 236 -15.46 11.56 4.05
N PRO A 237 -16.08 11.53 2.85
CA PRO A 237 -15.46 10.77 1.79
C PRO A 237 -14.00 11.08 1.56
N LEU A 238 -13.18 10.04 1.45
CA LEU A 238 -11.73 10.22 1.52
C LEU A 238 -11.06 10.80 0.26
N THR A 239 -10.34 11.88 0.50
CA THR A 239 -9.26 12.30 -0.38
C THR A 239 -8.11 11.35 -0.14
N THR A 240 -7.56 10.80 -1.23
CA THR A 240 -6.65 9.66 -1.14
C THR A 240 -5.83 9.49 -2.40
N VAL A 241 -4.82 8.63 -2.32
CA VAL A 241 -4.01 8.23 -3.48
C VAL A 241 -4.53 6.90 -3.99
N HIS A 242 -4.95 6.87 -5.24
CA HIS A 242 -5.60 5.72 -5.82
C HIS A 242 -4.53 4.74 -6.35
N GLN A 243 -4.53 3.54 -5.80
CA GLN A 243 -3.72 2.44 -6.34
C GLN A 243 -4.52 1.74 -7.43
N PRO A 244 -3.93 1.50 -8.60
CA PRO A 244 -4.70 0.88 -9.71
C PRO A 244 -4.69 -0.63 -9.58
N VAL A 245 -5.55 -1.11 -8.69
CA VAL A 245 -5.61 -2.51 -8.26
C VAL A 245 -5.79 -3.41 -9.50
N ALA A 246 -6.78 -3.12 -10.33
CA ALA A 246 -7.10 -4.03 -11.46
C ALA A 246 -5.94 -4.13 -12.45
N SER A 247 -5.34 -2.98 -12.75
CA SER A 247 -4.26 -2.89 -13.71
C SER A 247 -3.02 -3.58 -13.19
N MET A 248 -2.67 -3.35 -11.91
CA MET A 248 -1.47 -3.98 -11.40
C MET A 248 -1.66 -5.49 -11.28
N ALA A 249 -2.87 -5.93 -10.98
CA ALA A 249 -3.19 -7.35 -10.87
C ALA A 249 -3.09 -8.02 -12.24
N ALA A 250 -3.58 -7.35 -13.25
CA ALA A 250 -3.46 -7.87 -14.59
C ALA A 250 -2.01 -7.95 -15.03
N ALA A 251 -1.21 -6.94 -14.68
CA ALA A 251 0.19 -6.93 -15.10
C ALA A 251 0.91 -8.06 -14.40
N ALA A 252 0.71 -8.21 -13.09
CA ALA A 252 1.38 -9.28 -12.35
C ALA A 252 0.97 -10.66 -12.83
N THR A 253 -0.32 -10.82 -13.12
CA THR A 253 -0.82 -12.09 -13.61
C THR A 253 -0.17 -12.43 -14.97
N HIS A 254 -0.14 -11.47 -15.88
CA HIS A 254 0.48 -11.69 -17.19
C HIS A 254 1.97 -12.06 -17.04
N GLU A 255 2.70 -11.35 -16.16
CA GLU A 255 4.12 -11.69 -16.00
C GLU A 255 4.32 -13.13 -15.49
N LEU A 256 3.46 -13.57 -14.59
CA LEU A 256 3.57 -14.94 -14.10
C LEU A 256 3.19 -15.93 -15.20
N LEU A 257 2.06 -15.72 -15.86
CA LEU A 257 1.68 -16.60 -16.96
C LEU A 257 2.73 -16.72 -18.07
N LYS A 258 3.37 -15.61 -18.41
CA LYS A 258 4.42 -15.61 -19.40
C LYS A 258 5.59 -16.45 -18.93
N GLY A 259 5.95 -16.25 -17.65
CA GLY A 259 7.02 -17.03 -17.04
C GLY A 259 6.74 -18.51 -16.97
N LEU A 260 5.47 -18.89 -16.78
CA LEU A 260 5.06 -20.29 -16.76
C LEU A 260 4.86 -20.90 -18.16
N GLY A 261 5.03 -20.10 -19.19
CA GLY A 261 4.89 -20.52 -20.59
C GLY A 261 3.45 -20.65 -21.08
N ARG A 262 2.51 -20.09 -20.35
CA ARG A 262 1.10 -20.11 -20.70
C ARG A 262 0.73 -19.02 -21.66
N GLN A 263 1.36 -17.87 -21.52
CA GLN A 263 1.04 -16.69 -22.33
C GLN A 263 2.20 -16.22 -23.13
N VAL A 264 1.87 -15.69 -24.30
CA VAL A 264 2.82 -15.06 -25.21
CA VAL A 264 2.86 -15.06 -25.17
C VAL A 264 3.17 -13.65 -24.70
N ALA A 265 4.38 -13.20 -25.02
CA ALA A 265 4.77 -11.82 -24.79
C ALA A 265 3.85 -10.89 -25.58
N GLN A 266 3.62 -9.72 -25.01
CA GLN A 266 2.83 -8.68 -25.61
C GLN A 266 3.72 -7.45 -25.83
N ASP A 267 3.35 -6.62 -26.79
CA ASP A 267 4.06 -5.36 -27.03
C ASP A 267 3.56 -4.33 -26.02
N THR A 268 2.24 -4.09 -26.04
CA THR A 268 1.60 -3.06 -25.20
C THR A 268 1.77 -3.34 -23.70
N GLN A 269 2.57 -2.49 -23.03
CA GLN A 269 2.77 -2.54 -21.58
C GLN A 269 1.78 -1.62 -20.86
N PRO A 270 1.32 -2.00 -19.66
CA PRO A 270 0.69 -0.96 -18.85
C PRO A 270 1.76 0.01 -18.36
N THR A 271 1.45 1.30 -18.31
CA THR A 271 2.14 2.15 -17.35
C THR A 271 1.15 2.29 -16.20
N LEU A 272 1.57 1.80 -15.04
CA LEU A 272 0.73 1.73 -13.87
C LEU A 272 0.88 3.07 -13.14
N HIS A 273 -0.22 3.78 -13.02
CA HIS A 273 -0.21 5.13 -12.48
C HIS A 273 -0.95 5.18 -11.18
N LEU A 274 -0.33 5.86 -10.23
CA LEU A 274 -1.03 6.27 -9.00
C LEU A 274 -1.62 7.65 -9.27
N SER A 275 -2.81 7.91 -8.75
CA SER A 275 -3.46 9.18 -9.00
C SER A 275 -4.11 9.72 -7.74
N LEU A 276 -4.10 11.03 -7.61
CA LEU A 276 -4.64 11.65 -6.44
C LEU A 276 -6.13 11.77 -6.67
N LYS A 277 -6.92 11.24 -5.75
CA LYS A 277 -8.37 11.28 -5.81
C LYS A 277 -8.89 12.27 -4.79
N ILE A 278 -9.43 13.40 -5.27
CA ILE A 278 -9.88 14.47 -4.34
C ILE A 278 -11.34 14.27 -4.03
N ARG A 279 -11.66 14.12 -2.75
CA ARG A 279 -13.07 14.06 -2.32
C ARG A 279 -13.29 15.13 -1.26
N GLN A 280 -13.60 14.77 -0.01
CA GLN A 280 -14.01 15.73 1.01
C GLN A 280 -13.04 15.83 2.18
N SER A 281 -12.34 14.75 2.50
CA SER A 281 -11.56 14.73 3.78
C SER A 281 -10.30 15.60 3.74
N ALA A 282 -9.85 15.97 2.54
CA ALA A 282 -8.78 16.93 2.33
C ALA A 282 -8.89 17.59 0.98
#